data_1OYT
#
_entry.id   1OYT
#
_cell.length_a   70.693
_cell.length_b   71.479
_cell.length_c   72.802
_cell.angle_alpha   90.00
_cell.angle_beta   100.53
_cell.angle_gamma   90.00
#
_symmetry.space_group_name_H-M   'C 1 2 1'
#
loop_
_entity.id
_entity.type
_entity.pdbx_description
1 polymer 'thrombin light chain'
2 polymer 'thrombin heavy chain'
3 polymer 'Hirudin IIB'
4 non-polymer 'SODIUM ION'
5 non-polymer 'CALCIUM ION'
6 non-polymer '(3ASR,4RS,8ASR,8BRS)-4-(2-(4-FLUOROBENZYL)-1,3-DIOXODEACAHYDROPYRROLO[3,4-A] PYRROLIZIN-4-YL)BENZAMIDINE'
7 water water
#
loop_
_entity_poly.entity_id
_entity_poly.type
_entity_poly.pdbx_seq_one_letter_code
_entity_poly.pdbx_strand_id
1 'polypeptide(L)' TFGSGEADCGLRPLFEKKSLEDKTERELLESYIDGR L
2 'polypeptide(L)'
;IVEGSDAEIGMSPWQVMLFRKSPQELLCGASLISDRWVLTAAHCLLYPPWDKNFTENDLLVRIGKHSRTRYERNIEKISM
LEKIYIHPRYNWRENLDRDIALMKLKKPVAFSDYIHPVCLPDRETAASLLQAGYKGRVTGWGNLKETWTANVGKGQPSVL
QVVNLPIVERPVCKDSTRIRITDNMFCAGYKPDEGKRGDACEGDSGGPFVMKSPFNNRWYQMGIVSWGEGCDRDGKYGFY
THVFRLKKWIQKVIDQFGE
;
H
3 'polypeptide(L)' (SIN)FEEIPEEYLQ I
#
# COMPACT_ATOMS: atom_id res chain seq x y z
N ALA A 7 1.48 -17.07 -11.03
CA ALA A 7 0.36 -18.03 -10.83
C ALA A 7 -0.01 -18.18 -9.34
N ASP A 8 0.94 -17.90 -8.48
CA ASP A 8 0.73 -18.03 -7.04
C ASP A 8 0.53 -16.66 -6.37
N CYS A 9 0.33 -15.60 -7.15
CA CYS A 9 0.18 -14.29 -6.49
C CYS A 9 -0.96 -14.27 -5.49
N GLY A 10 -0.80 -13.46 -4.45
CA GLY A 10 -1.88 -13.29 -3.47
C GLY A 10 -2.26 -14.44 -2.55
N LEU A 11 -1.47 -15.52 -2.55
CA LEU A 11 -1.69 -16.66 -1.68
C LEU A 11 -0.49 -16.66 -0.73
N ARG A 12 -0.76 -16.37 0.53
CA ARG A 12 0.31 -16.24 1.52
C ARG A 12 0.85 -17.55 2.04
N PRO A 13 2.18 -17.70 2.05
CA PRO A 13 2.76 -18.96 2.54
C PRO A 13 2.30 -19.37 3.94
N LEU A 14 2.15 -18.39 4.84
CA LEU A 14 1.79 -18.71 6.20
C LEU A 14 0.31 -18.73 6.50
N PHE A 15 -0.49 -18.45 5.48
CA PHE A 15 -1.94 -18.43 5.65
C PHE A 15 -2.64 -19.26 4.57
N GLU A 16 -3.00 -18.67 3.43
CA GLU A 16 -3.69 -19.47 2.41
C GLU A 16 -2.98 -20.77 2.00
N LYS A 17 -1.67 -20.75 1.87
CA LYS A 17 -0.97 -21.95 1.44
C LYS A 17 -1.14 -23.11 2.40
N LYS A 18 -1.32 -22.83 3.68
CA LYS A 18 -1.47 -23.89 4.66
C LYS A 18 -2.88 -23.90 5.29
N SER A 19 -3.82 -23.22 4.61
CA SER A 19 -5.20 -23.14 5.07
C SER A 19 -5.39 -22.62 6.50
N LEU A 20 -4.67 -21.55 6.83
CA LEU A 20 -4.79 -20.90 8.13
C LEU A 20 -5.31 -19.51 7.79
N GLU A 21 -6.12 -18.96 8.66
CA GLU A 21 -6.69 -17.64 8.42
C GLU A 21 -6.12 -16.66 9.42
N ASP A 22 -5.98 -15.40 9.02
CA ASP A 22 -5.45 -14.42 9.97
C ASP A 22 -6.59 -13.94 10.87
N LYS A 23 -6.26 -13.14 11.87
CA LYS A 23 -7.23 -12.70 12.88
C LYS A 23 -8.40 -11.83 12.47
N THR A 24 -8.26 -11.09 11.36
CA THR A 24 -9.32 -10.18 10.94
C THR A 24 -9.79 -10.33 9.49
N GLU A 25 -9.31 -11.33 8.77
CA GLU A 25 -9.76 -11.48 7.39
C GLU A 25 -11.27 -11.77 7.28
N ARG A 26 -11.83 -12.38 8.31
CA ARG A 26 -13.27 -12.65 8.30
C ARG A 26 -14.06 -11.33 8.28
N GLU A 27 -13.53 -10.27 8.90
CA GLU A 27 -14.21 -8.97 8.86
C GLU A 27 -14.35 -8.51 7.39
N LEU A 28 -13.32 -8.76 6.59
CA LEU A 28 -13.40 -8.37 5.18
C LEU A 28 -14.48 -9.22 4.49
N LEU A 29 -14.41 -10.53 4.67
CA LEU A 29 -15.37 -11.43 4.04
C LEU A 29 -16.82 -11.05 4.38
N GLU A 30 -17.05 -10.72 5.64
CA GLU A 30 -18.40 -10.36 6.08
C GLU A 30 -18.91 -9.09 5.41
N SER A 31 -18.00 -8.24 4.95
CA SER A 31 -18.41 -7.00 4.30
C SER A 31 -18.68 -7.21 2.81
N TYR A 32 -18.31 -8.36 2.27
CA TYR A 32 -18.54 -8.63 0.84
C TYR A 32 -19.90 -9.30 0.74
N ILE A 33 -20.94 -8.48 0.87
CA ILE A 33 -22.33 -8.95 0.87
C ILE A 33 -22.90 -9.18 -0.53
N ILE B 1 0.02 4.10 10.63
CA ILE B 1 -1.41 3.66 10.72
C ILE B 1 -1.97 4.09 12.05
N VAL B 2 -3.08 4.82 12.01
CA VAL B 2 -3.73 5.29 13.21
C VAL B 2 -4.88 4.35 13.57
N GLU B 3 -5.01 4.01 14.85
CA GLU B 3 -6.09 3.15 15.30
C GLU B 3 -6.15 1.76 14.64
N GLY B 4 -4.97 1.20 14.39
CA GLY B 4 -4.87 -0.12 13.82
C GLY B 4 -4.31 -1.06 14.88
N SER B 5 -3.75 -2.18 14.43
CA SER B 5 -3.18 -3.14 15.35
C SER B 5 -1.93 -3.78 14.79
N ASP B 6 -1.22 -4.50 15.65
CA ASP B 6 0.01 -5.19 15.20
C ASP B 6 -0.34 -6.27 14.17
N ALA B 7 0.41 -6.31 13.08
CA ALA B 7 0.20 -7.34 12.07
C ALA B 7 0.73 -8.68 12.58
N GLU B 8 0.18 -9.77 12.04
CA GLU B 8 0.67 -11.10 12.37
C GLU B 8 1.88 -11.38 11.50
N ILE B 9 2.76 -12.28 11.95
CA ILE B 9 3.93 -12.63 11.14
C ILE B 9 3.45 -13.20 9.77
N GLY B 10 4.01 -12.68 8.69
CA GLY B 10 3.66 -13.13 7.35
C GLY B 10 2.28 -12.74 6.88
N MET B 11 1.63 -11.82 7.58
CA MET B 11 0.28 -11.41 7.22
C MET B 11 0.22 -10.61 5.90
N SER B 12 1.29 -9.88 5.61
CA SER B 12 1.33 -9.04 4.41
C SER B 12 2.73 -9.22 3.80
N PRO B 13 3.00 -10.38 3.19
CA PRO B 13 4.29 -10.70 2.59
C PRO B 13 4.71 -9.90 1.39
N TRP B 14 3.77 -9.13 0.86
CA TRP B 14 4.07 -8.24 -0.26
C TRP B 14 4.46 -6.86 0.25
N GLN B 15 4.40 -6.65 1.57
CA GLN B 15 4.75 -5.34 2.13
C GLN B 15 6.19 -4.96 1.86
N VAL B 16 6.42 -3.74 1.36
CA VAL B 16 7.77 -3.29 1.11
C VAL B 16 7.98 -1.98 1.86
N MET B 17 9.19 -1.82 2.41
CA MET B 17 9.54 -0.57 3.08
C MET B 17 10.50 0.17 2.15
N LEU B 18 10.19 1.44 1.85
CA LEU B 18 11.12 2.23 1.03
C LEU B 18 11.93 2.94 2.09
N PHE B 19 13.24 2.74 2.03
CA PHE B 19 14.16 3.23 3.05
C PHE B 19 15.17 4.20 2.47
N ARG B 20 15.25 5.40 3.05
CA ARG B 20 16.20 6.39 2.57
C ARG B 20 17.57 6.02 3.09
N LYS B 21 18.59 6.11 2.23
CA LYS B 21 19.95 5.74 2.62
C LYS B 21 20.60 6.73 3.58
N SER B 22 20.50 8.01 3.26
CA SER B 22 21.10 9.03 4.13
C SER B 22 20.30 10.30 4.11
N PRO B 23 19.75 10.71 5.26
CA PRO B 23 19.86 9.98 6.53
C PRO B 23 19.00 8.73 6.46
N GLN B 24 19.27 7.74 7.32
CA GLN B 24 18.50 6.51 7.32
C GLN B 24 17.10 6.74 7.89
N GLU B 25 16.09 6.61 7.05
CA GLU B 25 14.73 6.82 7.53
C GLU B 25 13.67 6.16 6.68
N LEU B 26 12.49 5.99 7.24
CA LEU B 26 11.36 5.40 6.53
C LEU B 26 10.90 6.45 5.53
N LEU B 27 10.86 6.10 4.25
CA LEU B 27 10.39 7.07 3.25
C LEU B 27 8.95 6.84 2.87
N CYS B 28 8.54 5.60 2.80
CA CYS B 28 7.18 5.31 2.36
C CYS B 28 6.98 3.81 2.38
N GLY B 29 5.73 3.42 2.10
CA GLY B 29 5.42 2.01 1.95
C GLY B 29 5.42 1.72 0.45
N ALA B 30 5.27 0.45 0.10
CA ALA B 30 5.29 0.01 -1.28
C ALA B 30 4.86 -1.44 -1.27
N SER B 31 4.75 -2.06 -2.43
CA SER B 31 4.33 -3.46 -2.48
C SER B 31 5.06 -4.26 -3.54
N LEU B 32 5.19 -5.55 -3.28
CA LEU B 32 5.88 -6.46 -4.19
C LEU B 32 4.88 -7.09 -5.14
N ILE B 33 5.05 -6.83 -6.44
CA ILE B 33 4.13 -7.41 -7.43
C ILE B 33 4.71 -8.52 -8.32
N SER B 34 6.02 -8.71 -8.24
CA SER B 34 6.70 -9.79 -8.98
C SER B 34 8.08 -9.88 -8.36
N ASP B 35 8.93 -10.80 -8.80
CA ASP B 35 10.24 -10.88 -8.18
C ASP B 35 11.17 -9.73 -8.52
N ARG B 36 10.72 -8.84 -9.42
CA ARG B 36 11.56 -7.76 -9.86
C ARG B 36 10.90 -6.39 -9.84
N TRP B 37 9.58 -6.34 -9.61
CA TRP B 37 8.88 -5.06 -9.63
C TRP B 37 8.17 -4.72 -8.32
N VAL B 38 8.28 -3.45 -7.93
CA VAL B 38 7.68 -2.92 -6.71
C VAL B 38 6.81 -1.71 -7.08
N LEU B 39 5.61 -1.66 -6.51
CA LEU B 39 4.64 -0.62 -6.81
C LEU B 39 4.53 0.34 -5.64
N THR B 40 4.44 1.65 -5.92
CA THR B 40 4.31 2.63 -4.83
C THR B 40 3.56 3.84 -5.37
N ALA B 41 3.47 4.91 -4.57
CA ALA B 41 2.83 6.14 -5.00
C ALA B 41 3.89 7.04 -5.62
N ALA B 42 3.52 7.75 -6.69
CA ALA B 42 4.44 8.70 -7.32
C ALA B 42 4.93 9.76 -6.33
N HIS B 43 4.05 10.22 -5.41
CA HIS B 43 4.45 11.27 -4.48
C HIS B 43 5.55 10.84 -3.51
N CYS B 44 5.78 9.53 -3.42
CA CYS B 44 6.84 9.04 -2.55
C CYS B 44 8.19 9.32 -3.18
N LEU B 45 8.21 9.47 -4.50
CA LEU B 45 9.46 9.69 -5.24
C LEU B 45 9.60 11.08 -5.84
N LEU B 46 8.47 11.70 -6.15
CA LEU B 46 8.51 13.01 -6.80
C LEU B 46 7.43 13.93 -6.26
N TYR B 47 7.85 15.00 -5.62
CA TYR B 47 6.86 15.96 -5.15
C TYR B 47 7.58 17.31 -5.04
N PRO B 48 7.63 18.04 -6.16
CA PRO B 48 8.30 19.36 -6.22
C PRO B 48 7.96 20.40 -5.15
N PRO B 49 6.70 20.50 -4.72
CA PRO B 49 6.38 21.50 -3.69
C PRO B 49 7.25 21.38 -2.44
N TRP B 50 7.74 20.17 -2.19
CA TRP B 50 8.60 19.91 -1.02
C TRP B 50 10.03 19.56 -1.42
N ASP B 51 10.40 19.87 -2.64
CA ASP B 51 11.72 19.59 -3.17
C ASP B 51 12.09 18.12 -3.02
N LYS B 52 11.11 17.26 -3.27
CA LYS B 52 11.37 15.83 -3.19
C LYS B 52 11.50 15.32 -4.62
N ASN B 53 12.64 14.73 -4.92
CA ASN B 53 12.92 14.17 -6.23
C ASN B 53 14.03 13.15 -6.05
N PHE B 54 13.64 11.95 -5.64
CA PHE B 54 14.61 10.89 -5.40
C PHE B 54 15.06 10.22 -6.68
N THR B 55 16.32 9.80 -6.71
CA THR B 55 16.82 9.10 -7.86
C THR B 55 17.05 7.66 -7.35
N GLU B 56 17.33 6.73 -8.25
CA GLU B 56 17.52 5.34 -7.87
C GLU B 56 18.51 5.07 -6.73
N ASN B 57 19.64 5.76 -6.72
CA ASN B 57 20.65 5.55 -5.69
C ASN B 57 20.36 6.13 -4.32
N ASP B 58 19.28 6.91 -4.20
CA ASP B 58 18.93 7.53 -2.93
C ASP B 58 18.25 6.60 -1.94
N LEU B 59 17.70 5.48 -2.40
CA LEU B 59 17.00 4.61 -1.46
C LEU B 59 17.17 3.14 -1.69
N LEU B 60 16.64 2.37 -0.75
CA LEU B 60 16.68 0.92 -0.79
C LEU B 60 15.27 0.41 -0.59
N VAL B 61 15.05 -0.84 -1.02
CA VAL B 61 13.77 -1.53 -0.84
C VAL B 61 14.07 -2.62 0.22
N ARG B 62 13.27 -2.70 1.28
CA ARG B 62 13.44 -3.71 2.33
C ARG B 62 12.15 -4.53 2.32
N ILE B 63 12.30 -5.82 2.04
CA ILE B 63 11.17 -6.72 1.86
C ILE B 63 11.21 -7.84 2.91
N GLY B 64 10.03 -8.30 3.32
CA GLY B 64 9.95 -9.37 4.31
C GLY B 64 10.03 -8.88 5.74
N LYS B 65 9.89 -7.59 5.96
CA LYS B 65 9.98 -7.03 7.30
C LYS B 65 8.77 -7.13 8.18
N HIS B 66 9.02 -7.03 9.48
CA HIS B 66 7.97 -7.01 10.49
C HIS B 66 8.33 -5.88 11.44
N SER B 67 9.49 -5.97 12.06
CA SER B 67 9.94 -4.89 12.95
C SER B 67 10.24 -3.66 12.11
N ARG B 68 9.91 -2.47 12.61
CA ARG B 68 10.16 -1.25 11.84
C ARG B 68 11.64 -0.89 11.78
N THR B 69 12.29 -0.84 12.94
CA THR B 69 13.68 -0.41 13.02
C THR B 69 14.78 -1.47 12.98
N ARG B 70 14.45 -2.68 13.37
CA ARG B 70 15.48 -3.69 13.44
C ARG B 70 15.93 -4.23 12.10
N TYR B 71 17.19 -4.66 12.02
CA TYR B 71 17.67 -5.28 10.81
C TYR B 71 17.33 -6.76 11.07
N GLU B 72 16.34 -7.25 10.36
CA GLU B 72 15.84 -8.60 10.57
C GLU B 72 16.64 -9.66 9.84
N ARG B 73 17.78 -9.96 10.42
CA ARG B 73 18.75 -10.91 9.92
C ARG B 73 18.11 -12.27 9.59
N ASN B 74 18.44 -12.80 8.41
CA ASN B 74 17.97 -14.10 7.93
C ASN B 74 16.49 -14.05 7.53
N ILE B 75 15.89 -12.87 7.57
CA ILE B 75 14.47 -12.74 7.22
C ILE B 75 14.24 -11.69 6.14
N GLU B 76 14.57 -10.44 6.42
CA GLU B 76 14.35 -9.45 5.38
C GLU B 76 15.40 -9.51 4.28
N LYS B 77 15.03 -8.96 3.14
CA LYS B 77 15.90 -8.90 1.99
C LYS B 77 15.98 -7.44 1.60
N ILE B 78 17.20 -6.97 1.35
CA ILE B 78 17.38 -5.57 0.97
C ILE B 78 17.73 -5.53 -0.53
N SER B 79 17.03 -4.71 -1.28
CA SER B 79 17.24 -4.64 -2.72
C SER B 79 17.52 -3.22 -3.20
N MET B 80 18.35 -3.12 -4.24
CA MET B 80 18.69 -1.84 -4.82
C MET B 80 17.82 -1.63 -6.05
N LEU B 81 17.62 -0.37 -6.43
CA LEU B 81 16.80 -0.03 -7.57
C LEU B 81 17.56 0.13 -8.87
N GLU B 82 17.05 -0.48 -9.93
CA GLU B 82 17.64 -0.36 -11.25
C GLU B 82 17.07 0.90 -11.89
N LYS B 83 15.74 1.05 -11.83
CA LYS B 83 15.09 2.20 -12.45
C LYS B 83 13.73 2.50 -11.83
N ILE B 84 13.38 3.78 -11.81
CA ILE B 84 12.10 4.27 -11.29
C ILE B 84 11.29 4.73 -12.49
N TYR B 85 10.00 4.40 -12.52
CA TYR B 85 9.11 4.83 -13.60
C TYR B 85 7.93 5.51 -12.93
N ILE B 86 7.72 6.79 -13.22
CA ILE B 86 6.60 7.54 -12.63
C ILE B 86 5.55 7.76 -13.73
N HIS B 87 4.27 7.66 -13.38
CA HIS B 87 3.26 7.87 -14.40
C HIS B 87 3.50 9.22 -15.05
N PRO B 88 3.54 9.26 -16.40
CA PRO B 88 3.79 10.52 -17.10
C PRO B 88 2.73 11.59 -16.88
N ARG B 89 1.52 11.18 -16.48
CA ARG B 89 0.48 12.17 -16.25
C ARG B 89 0.14 12.37 -14.79
N TYR B 90 1.05 11.95 -13.90
CA TYR B 90 0.92 12.16 -12.46
C TYR B 90 0.77 13.66 -12.23
N ASN B 91 -0.29 14.05 -11.54
CA ASN B 91 -0.59 15.46 -11.30
C ASN B 91 -0.17 15.91 -9.91
N TRP B 92 1.11 16.26 -9.76
CA TRP B 92 1.59 16.70 -8.45
C TRP B 92 1.25 18.17 -8.20
N ARG B 93 0.89 18.90 -9.25
CA ARG B 93 0.60 20.32 -9.10
C ARG B 93 -0.72 20.57 -8.41
N GLU B 94 -1.67 19.69 -8.69
CA GLU B 94 -2.99 19.88 -8.14
C GLU B 94 -3.52 18.93 -7.09
N ASN B 95 -3.86 17.72 -7.50
CA ASN B 95 -4.56 16.79 -6.59
C ASN B 95 -3.99 15.37 -6.52
N LEU B 96 -2.75 15.20 -6.97
CA LEU B 96 -2.10 13.89 -6.99
C LEU B 96 -2.83 12.88 -7.87
N ASP B 97 -3.50 13.37 -8.91
CA ASP B 97 -4.19 12.44 -9.82
C ASP B 97 -3.12 11.50 -10.43
N ARG B 98 -3.46 10.23 -10.57
CA ARG B 98 -2.56 9.20 -11.14
C ARG B 98 -1.27 9.06 -10.29
N ASP B 99 -1.47 8.92 -8.99
CA ASP B 99 -0.36 8.83 -8.02
C ASP B 99 0.17 7.40 -7.99
N ILE B 100 1.05 7.10 -8.95
CA ILE B 100 1.51 5.73 -9.05
C ILE B 100 2.90 5.73 -9.68
N ALA B 101 3.74 4.81 -9.22
CA ALA B 101 5.09 4.67 -9.74
C ALA B 101 5.51 3.22 -9.59
N LEU B 102 6.41 2.79 -10.48
CA LEU B 102 6.96 1.44 -10.43
C LEU B 102 8.45 1.52 -10.21
N MET B 103 9.02 0.51 -9.55
CA MET B 103 10.46 0.50 -9.35
C MET B 103 10.93 -0.88 -9.78
N LYS B 104 11.92 -0.94 -10.66
CA LYS B 104 12.46 -2.24 -11.08
C LYS B 104 13.71 -2.48 -10.23
N LEU B 105 13.79 -3.68 -9.64
CA LEU B 105 14.91 -4.04 -8.78
C LEU B 105 16.13 -4.48 -9.57
N LYS B 106 17.33 -4.27 -9.02
CA LYS B 106 18.52 -4.67 -9.75
C LYS B 106 18.60 -6.17 -9.94
N LYS B 107 18.11 -6.93 -8.96
CA LYS B 107 18.14 -8.39 -9.05
C LYS B 107 16.84 -8.94 -8.50
N PRO B 108 16.40 -10.10 -9.02
CA PRO B 108 15.15 -10.69 -8.52
C PRO B 108 15.28 -11.07 -7.05
N VAL B 109 14.19 -10.95 -6.30
CA VAL B 109 14.20 -11.29 -4.89
C VAL B 109 13.63 -12.70 -4.74
N ALA B 110 14.24 -13.51 -3.89
CA ALA B 110 13.75 -14.87 -3.72
C ALA B 110 12.52 -14.83 -2.81
N PHE B 111 11.49 -15.60 -3.16
CA PHE B 111 10.31 -15.62 -2.30
C PHE B 111 10.55 -16.52 -1.09
N SER B 112 9.81 -16.27 -0.01
CA SER B 112 9.96 -17.05 1.21
C SER B 112 8.65 -17.00 1.98
N ASP B 113 8.65 -17.49 3.21
CA ASP B 113 7.46 -17.43 4.06
C ASP B 113 7.06 -15.97 4.31
N TYR B 114 8.03 -15.07 4.24
CA TYR B 114 7.79 -13.65 4.55
C TYR B 114 7.78 -12.69 3.36
N ILE B 115 8.05 -13.22 2.17
CA ILE B 115 8.17 -12.44 0.94
C ILE B 115 7.39 -13.12 -0.15
N HIS B 116 6.35 -12.46 -0.65
CA HIS B 116 5.51 -13.07 -1.68
C HIS B 116 4.72 -11.96 -2.35
N PRO B 117 4.52 -12.04 -3.67
CA PRO B 117 3.77 -11.01 -4.39
C PRO B 117 2.27 -11.01 -4.24
N VAL B 118 1.70 -9.81 -4.30
CA VAL B 118 0.25 -9.64 -4.23
C VAL B 118 -0.24 -9.62 -5.71
N CYS B 119 -1.51 -9.95 -5.95
CA CYS B 119 -2.04 -9.91 -7.30
C CYS B 119 -2.52 -8.52 -7.65
N LEU B 120 -2.56 -8.20 -8.95
CA LEU B 120 -3.14 -6.92 -9.37
C LEU B 120 -4.50 -7.30 -9.95
N PRO B 121 -5.51 -6.47 -9.73
CA PRO B 121 -6.86 -6.75 -10.23
C PRO B 121 -7.05 -6.65 -11.74
N ASP B 122 -7.98 -7.44 -12.27
CA ASP B 122 -8.36 -7.27 -13.66
C ASP B 122 -9.72 -6.56 -13.62
N ARG B 123 -10.33 -6.31 -14.79
CA ARG B 123 -11.58 -5.57 -14.82
C ARG B 123 -12.68 -6.19 -13.97
N GLU B 124 -12.77 -7.53 -13.99
CA GLU B 124 -13.78 -8.25 -13.23
C GLU B 124 -13.54 -8.11 -11.72
N THR B 125 -12.27 -8.20 -11.32
CA THR B 125 -11.93 -8.07 -9.90
C THR B 125 -12.43 -6.74 -9.40
N ALA B 126 -12.09 -5.68 -10.15
CA ALA B 126 -12.47 -4.34 -9.74
C ALA B 126 -13.97 -4.18 -9.66
N ALA B 127 -14.69 -4.69 -10.66
CA ALA B 127 -16.13 -4.52 -10.66
C ALA B 127 -16.73 -5.25 -9.46
N SER B 128 -16.18 -6.42 -9.16
CA SER B 128 -16.69 -7.24 -8.06
C SER B 128 -16.42 -6.69 -6.67
N LEU B 129 -15.23 -6.18 -6.47
CA LEU B 129 -14.83 -5.73 -5.14
C LEU B 129 -14.88 -4.25 -4.77
N LEU B 130 -14.73 -3.37 -5.76
CA LEU B 130 -14.73 -1.93 -5.49
C LEU B 130 -16.12 -1.36 -5.33
N GLN B 131 -16.76 -1.73 -4.22
CA GLN B 131 -18.11 -1.30 -3.92
C GLN B 131 -18.15 -0.66 -2.56
N ALA B 132 -18.98 0.37 -2.42
CA ALA B 132 -19.10 1.07 -1.15
C ALA B 132 -19.49 0.07 -0.07
N GLY B 133 -18.84 0.14 1.09
CA GLY B 133 -19.14 -0.79 2.16
C GLY B 133 -18.20 -1.98 2.23
N TYR B 134 -17.67 -2.41 1.08
CA TYR B 134 -16.73 -3.52 1.05
C TYR B 134 -15.45 -3.02 1.73
N LYS B 135 -14.87 -3.86 2.59
CA LYS B 135 -13.66 -3.46 3.31
C LYS B 135 -12.37 -3.99 2.69
N GLY B 136 -11.34 -3.14 2.75
CA GLY B 136 -10.00 -3.47 2.28
C GLY B 136 -9.11 -3.34 3.51
N ARG B 137 -7.83 -3.62 3.33
CA ARG B 137 -6.86 -3.61 4.40
C ARG B 137 -5.64 -2.78 4.02
N VAL B 138 -5.23 -1.90 4.93
CA VAL B 138 -4.07 -1.05 4.71
C VAL B 138 -3.03 -1.42 5.77
N THR B 139 -1.76 -1.40 5.36
CA THR B 139 -0.68 -1.78 6.26
C THR B 139 0.47 -0.79 6.13
N GLY B 140 1.24 -0.62 7.20
CA GLY B 140 2.38 0.28 7.12
C GLY B 140 3.08 0.49 8.44
N TRP B 141 4.23 1.15 8.37
CA TRP B 141 5.05 1.45 9.55
C TRP B 141 5.00 2.94 9.89
N GLY B 142 4.04 3.65 9.30
CA GLY B 142 3.89 5.08 9.51
C GLY B 142 3.39 5.48 10.89
N ASN B 143 3.21 6.78 11.10
CA ASN B 143 2.75 7.34 12.37
C ASN B 143 1.52 6.67 12.96
N LEU B 144 1.51 6.52 14.29
CA LEU B 144 0.38 5.96 15.02
C LEU B 144 -0.66 7.06 15.30
N LYS B 145 -0.21 8.31 15.25
CA LYS B 145 -1.05 9.48 15.50
C LYS B 145 -0.71 10.62 14.55
N GLU B 146 -1.69 11.47 14.26
CA GLU B 146 -1.47 12.58 13.36
C GLU B 146 -0.41 13.49 13.96
N THR B 147 -0.51 13.71 15.26
CA THR B 147 0.45 14.55 15.98
C THR B 147 1.01 13.79 17.17
N GLY B 155 3.79 7.62 18.83
CA GLY B 155 4.88 7.93 17.93
C GLY B 155 4.95 6.99 16.75
N GLN B 156 6.04 6.22 16.67
CA GLN B 156 6.23 5.26 15.60
C GLN B 156 6.05 3.86 16.22
N PRO B 157 5.50 2.92 15.44
CA PRO B 157 5.27 1.55 15.90
C PRO B 157 6.51 0.69 15.96
N SER B 158 6.47 -0.33 16.82
CA SER B 158 7.58 -1.26 16.92
C SER B 158 7.49 -2.19 15.73
N VAL B 159 6.26 -2.58 15.35
CA VAL B 159 6.10 -3.49 14.21
C VAL B 159 5.01 -3.03 13.23
N LEU B 160 4.99 -3.67 12.07
CA LEU B 160 4.03 -3.37 11.02
C LEU B 160 2.62 -3.28 11.57
N GLN B 161 1.87 -2.26 11.15
CA GLN B 161 0.50 -2.07 11.63
C GLN B 161 -0.50 -2.41 10.51
N VAL B 162 -1.70 -2.80 10.90
CA VAL B 162 -2.75 -3.18 9.96
C VAL B 162 -4.10 -2.61 10.40
N VAL B 163 -4.92 -2.23 9.44
CA VAL B 163 -6.26 -1.77 9.76
C VAL B 163 -7.17 -2.07 8.56
N ASN B 164 -8.39 -2.51 8.85
CA ASN B 164 -9.37 -2.81 7.80
C ASN B 164 -10.32 -1.61 7.75
N LEU B 165 -10.62 -1.17 6.52
CA LEU B 165 -11.45 0.03 6.31
C LEU B 165 -12.41 -0.14 5.15
N PRO B 166 -13.66 0.33 5.31
CA PRO B 166 -14.65 0.22 4.26
C PRO B 166 -14.51 1.28 3.16
N ILE B 167 -14.76 0.87 1.92
CA ILE B 167 -14.72 1.78 0.78
C ILE B 167 -15.95 2.70 0.99
N VAL B 168 -15.82 3.97 0.66
CA VAL B 168 -16.89 4.93 0.85
C VAL B 168 -17.55 5.39 -0.47
N GLU B 169 -18.85 5.66 -0.41
CA GLU B 169 -19.61 6.12 -1.57
C GLU B 169 -18.92 7.34 -2.16
N ARG B 170 -18.86 7.42 -3.49
CA ARG B 170 -18.16 8.55 -4.10
C ARG B 170 -18.68 9.93 -3.73
N PRO B 171 -20.01 10.10 -3.59
CA PRO B 171 -20.51 11.43 -3.21
C PRO B 171 -20.03 11.87 -1.83
N VAL B 172 -19.94 10.92 -0.89
CA VAL B 172 -19.47 11.20 0.45
C VAL B 172 -17.99 11.60 0.40
N CYS B 173 -17.19 10.87 -0.38
CA CYS B 173 -15.80 11.21 -0.53
C CYS B 173 -15.67 12.65 -1.07
N LYS B 174 -16.44 12.93 -2.12
CA LYS B 174 -16.38 14.25 -2.77
C LYS B 174 -16.77 15.38 -1.82
N ASP B 175 -17.82 15.16 -1.05
CA ASP B 175 -18.33 16.15 -0.11
C ASP B 175 -17.48 16.37 1.13
N SER B 176 -16.44 15.54 1.31
CA SER B 176 -15.59 15.65 2.49
C SER B 176 -14.37 16.56 2.30
N THR B 177 -14.16 17.03 1.07
CA THR B 177 -12.94 17.78 0.78
C THR B 177 -13.14 18.84 -0.28
N ARG B 178 -12.25 19.83 -0.32
CA ARG B 178 -12.34 20.85 -1.36
C ARG B 178 -11.47 20.43 -2.55
N ILE B 179 -10.67 19.38 -2.35
CA ILE B 179 -9.81 18.90 -3.44
C ILE B 179 -10.65 18.21 -4.51
N ARG B 180 -10.27 18.39 -5.77
CA ARG B 180 -10.97 17.76 -6.88
C ARG B 180 -10.66 16.26 -6.94
N ILE B 181 -11.68 15.42 -6.85
CA ILE B 181 -11.47 13.96 -6.90
C ILE B 181 -11.63 13.47 -8.32
N THR B 182 -10.83 12.49 -8.73
CA THR B 182 -10.96 11.96 -10.08
C THR B 182 -11.32 10.47 -10.07
N ASP B 183 -11.58 9.93 -11.26
CA ASP B 183 -11.94 8.53 -11.38
C ASP B 183 -10.75 7.63 -11.01
N ASN B 184 -9.55 8.22 -10.94
CA ASN B 184 -8.36 7.44 -10.60
C ASN B 184 -8.11 7.36 -9.12
N MET B 185 -9.12 7.74 -8.35
CA MET B 185 -9.03 7.70 -6.88
C MET B 185 -10.30 7.12 -6.29
N PHE B 186 -10.18 6.56 -5.09
CA PHE B 186 -11.37 6.16 -4.34
C PHE B 186 -11.02 6.50 -2.91
N CYS B 187 -12.02 6.57 -2.03
CA CYS B 187 -11.67 6.87 -0.64
C CYS B 187 -12.22 5.79 0.27
N ALA B 188 -11.64 5.67 1.46
CA ALA B 188 -12.07 4.63 2.40
C ALA B 188 -11.89 5.12 3.84
N GLY B 189 -12.69 4.54 4.74
CA GLY B 189 -12.63 4.93 6.14
C GLY B 189 -14.03 4.91 6.71
N TYR B 190 -14.11 4.97 8.04
CA TYR B 190 -15.42 4.98 8.71
C TYR B 190 -15.94 6.40 8.81
N LYS B 191 -17.26 6.52 8.83
CA LYS B 191 -17.92 7.81 8.98
C LYS B 191 -18.06 8.09 10.48
N PRO B 192 -18.27 9.35 10.85
CA PRO B 192 -18.41 9.67 12.28
C PRO B 192 -19.46 8.79 12.98
N ASP B 193 -20.60 8.57 12.35
CA ASP B 193 -21.66 7.75 12.98
C ASP B 193 -21.42 6.24 13.07
N GLU B 194 -20.34 5.76 12.47
CA GLU B 194 -20.02 4.33 12.51
C GLU B 194 -19.27 3.90 13.76
N GLY B 195 -18.75 4.86 14.53
CA GLY B 195 -18.05 4.48 15.74
C GLY B 195 -16.62 3.99 15.59
N LYS B 196 -16.37 3.10 14.64
CA LYS B 196 -15.03 2.57 14.43
C LYS B 196 -14.11 3.61 13.81
N ARG B 197 -12.80 3.42 13.93
CA ARG B 197 -11.87 4.40 13.39
C ARG B 197 -10.73 3.72 12.64
N GLY B 198 -9.79 4.54 12.18
CA GLY B 198 -8.64 4.00 11.47
C GLY B 198 -8.33 4.75 10.19
N ASP B 199 -7.05 4.88 9.89
CA ASP B 199 -6.57 5.58 8.69
C ASP B 199 -5.09 5.35 8.54
N ALA B 200 -4.59 5.65 7.34
CA ALA B 200 -3.17 5.61 7.09
C ALA B 200 -2.67 6.98 7.56
N CYS B 201 -1.36 7.13 7.69
CA CYS B 201 -0.78 8.42 8.12
C CYS B 201 0.62 8.56 7.56
N GLU B 202 1.32 9.63 7.95
CA GLU B 202 2.67 9.84 7.48
C GLU B 202 3.56 8.60 7.62
N GLY B 203 4.19 8.18 6.53
CA GLY B 203 5.05 7.01 6.59
C GLY B 203 4.38 5.82 5.93
N ASP B 204 3.05 5.85 5.84
CA ASP B 204 2.30 4.75 5.22
C ASP B 204 2.03 4.95 3.74
N SER B 205 2.16 6.18 3.24
CA SER B 205 1.79 6.34 1.85
C SER B 205 2.67 5.54 0.90
N GLY B 206 2.09 5.18 -0.23
CA GLY B 206 2.76 4.34 -1.21
C GLY B 206 2.46 2.89 -0.93
N GLY B 207 1.99 2.62 0.30
CA GLY B 207 1.64 1.26 0.73
C GLY B 207 0.35 0.75 0.08
N PRO B 208 0.06 -0.55 0.22
CA PRO B 208 -1.13 -1.16 -0.38
C PRO B 208 -2.44 -1.15 0.39
N PHE B 209 -3.54 -1.06 -0.37
CA PHE B 209 -4.91 -1.23 0.17
C PHE B 209 -5.30 -2.52 -0.54
N VAL B 210 -5.42 -3.62 0.21
CA VAL B 210 -5.71 -4.91 -0.45
C VAL B 210 -7.06 -5.47 -0.05
N MET B 211 -7.58 -6.37 -0.87
CA MET B 211 -8.87 -7.03 -0.58
C MET B 211 -8.72 -8.49 -0.93
N LYS B 212 -9.41 -9.37 -0.19
CA LYS B 212 -9.31 -10.81 -0.45
C LYS B 212 -10.53 -11.25 -1.22
N SER B 213 -10.32 -11.66 -2.46
CA SER B 213 -11.44 -12.06 -3.28
C SER B 213 -12.16 -13.26 -2.66
N PRO B 214 -13.49 -13.15 -2.48
CA PRO B 214 -14.22 -14.29 -1.88
C PRO B 214 -14.49 -15.37 -2.93
N PHE B 215 -14.14 -15.09 -4.18
CA PHE B 215 -14.34 -16.03 -5.28
C PHE B 215 -13.16 -16.99 -5.46
N ASN B 216 -11.94 -16.49 -5.32
CA ASN B 216 -10.77 -17.36 -5.52
C ASN B 216 -9.77 -17.34 -4.35
N ASN B 217 -10.17 -16.69 -3.25
CA ASN B 217 -9.38 -16.56 -2.04
C ASN B 217 -7.98 -16.00 -2.18
N ARG B 218 -7.80 -15.10 -3.15
CA ARG B 218 -6.51 -14.47 -3.36
C ARG B 218 -6.56 -13.00 -3.00
N TRP B 219 -5.42 -12.47 -2.57
CA TRP B 219 -5.35 -11.04 -2.25
C TRP B 219 -4.97 -10.22 -3.46
N TYR B 220 -5.70 -9.12 -3.64
CA TYR B 220 -5.49 -8.20 -4.73
C TYR B 220 -5.24 -6.80 -4.19
N GLN B 221 -4.29 -6.11 -4.82
CA GLN B 221 -4.02 -4.74 -4.40
C GLN B 221 -4.94 -3.84 -5.20
N MET B 222 -5.98 -3.30 -4.57
CA MET B 222 -6.91 -2.45 -5.27
C MET B 222 -6.52 -0.99 -5.21
N GLY B 223 -5.75 -0.61 -4.21
CA GLY B 223 -5.38 0.81 -4.13
C GLY B 223 -3.99 1.01 -3.60
N ILE B 224 -3.54 2.27 -3.67
CA ILE B 224 -2.26 2.67 -3.12
C ILE B 224 -2.56 3.84 -2.18
N VAL B 225 -1.95 3.86 -1.00
CA VAL B 225 -2.17 4.98 -0.03
C VAL B 225 -1.66 6.24 -0.74
N SER B 226 -2.58 7.18 -1.01
CA SER B 226 -2.22 8.38 -1.77
C SER B 226 -2.24 9.69 -1.00
N TRP B 227 -3.38 10.06 -0.44
CA TRP B 227 -3.44 11.30 0.31
C TRP B 227 -4.58 11.36 1.30
N GLY B 228 -4.53 12.40 2.14
CA GLY B 228 -5.57 12.62 3.11
C GLY B 228 -5.30 13.98 3.74
N GLU B 229 -6.25 14.46 4.52
CA GLU B 229 -6.09 15.74 5.19
C GLU B 229 -6.04 15.36 6.66
N GLY B 230 -4.84 15.43 7.22
CA GLY B 230 -4.62 15.01 8.59
C GLY B 230 -4.65 13.48 8.57
N CYS B 231 -4.87 12.86 9.72
CA CYS B 231 -4.96 11.41 9.82
C CYS B 231 -6.06 11.03 10.82
N ASP B 232 -6.98 10.17 10.37
CA ASP B 232 -8.07 9.68 11.19
C ASP B 232 -8.92 10.80 11.77
N ARG B 233 -9.13 11.85 10.99
CA ARG B 233 -9.97 12.95 11.48
C ARG B 233 -11.42 12.62 11.17
N ASP B 234 -12.31 12.96 12.10
CA ASP B 234 -13.73 12.71 11.88
C ASP B 234 -14.19 13.47 10.66
N GLY B 235 -14.91 12.77 9.81
CA GLY B 235 -15.45 13.39 8.60
C GLY B 235 -14.49 13.48 7.43
N LYS B 236 -13.27 13.00 7.60
CA LYS B 236 -12.28 12.98 6.51
C LYS B 236 -12.06 11.50 6.18
N TYR B 237 -11.54 11.25 4.99
CA TYR B 237 -11.31 9.90 4.52
C TYR B 237 -9.98 9.81 3.87
N GLY B 238 -9.41 8.61 3.87
CA GLY B 238 -8.15 8.46 3.18
C GLY B 238 -8.42 8.24 1.71
N PHE B 239 -7.56 8.80 0.85
CA PHE B 239 -7.71 8.62 -0.60
C PHE B 239 -6.63 7.72 -1.12
N TYR B 240 -7.04 6.89 -2.09
CA TYR B 240 -6.21 5.85 -2.66
C TYR B 240 -6.20 5.86 -4.17
N THR B 241 -5.03 5.56 -4.72
CA THR B 241 -4.91 5.47 -6.17
C THR B 241 -5.65 4.20 -6.58
N HIS B 242 -6.46 4.32 -7.62
CA HIS B 242 -7.28 3.21 -8.16
C HIS B 242 -6.37 2.38 -9.06
N VAL B 243 -5.84 1.28 -8.55
CA VAL B 243 -4.89 0.48 -9.31
C VAL B 243 -5.42 -0.04 -10.63
N PHE B 244 -6.62 -0.58 -10.64
CA PHE B 244 -7.11 -1.09 -11.91
C PHE B 244 -7.21 -0.03 -13.02
N ARG B 245 -7.64 1.17 -12.66
CA ARG B 245 -7.79 2.25 -13.63
C ARG B 245 -6.45 2.59 -14.28
N LEU B 246 -5.36 2.29 -13.58
CA LEU B 246 -4.03 2.60 -14.11
C LEU B 246 -3.27 1.36 -14.54
N LYS B 247 -3.97 0.23 -14.65
CA LYS B 247 -3.31 -1.00 -15.00
C LYS B 247 -2.73 -1.04 -16.40
N LYS B 248 -3.36 -0.35 -17.35
CA LYS B 248 -2.80 -0.36 -18.71
C LYS B 248 -1.40 0.25 -18.69
N TRP B 249 -1.20 1.28 -17.89
CA TRP B 249 0.12 1.91 -17.76
C TRP B 249 1.09 0.94 -17.10
N ILE B 250 0.61 0.26 -16.05
CA ILE B 250 1.46 -0.71 -15.36
C ILE B 250 1.94 -1.78 -16.35
N GLN B 251 1.01 -2.33 -17.11
CA GLN B 251 1.37 -3.37 -18.07
C GLN B 251 2.31 -2.84 -19.14
N LYS B 252 2.06 -1.63 -19.62
CA LYS B 252 2.91 -1.03 -20.64
C LYS B 252 4.36 -0.96 -20.16
N VAL B 253 4.55 -0.48 -18.93
CA VAL B 253 5.91 -0.36 -18.40
C VAL B 253 6.59 -1.71 -18.23
N ILE B 254 5.89 -2.67 -17.63
CA ILE B 254 6.49 -3.97 -17.44
C ILE B 254 6.75 -4.67 -18.78
N ASP B 255 5.83 -4.52 -19.74
CA ASP B 255 6.01 -5.15 -21.06
C ASP B 255 7.20 -4.56 -21.80
N GLN B 256 7.41 -3.27 -21.66
CA GLN B 256 8.52 -2.61 -22.36
C GLN B 256 9.88 -2.74 -21.70
N PHE B 257 9.92 -2.67 -20.38
CA PHE B 257 11.19 -2.72 -19.65
C PHE B 257 11.42 -3.98 -18.85
N PHE C 2 16.89 3.65 13.52
CA PHE C 2 17.07 2.44 12.74
C PHE C 2 18.38 1.72 13.01
N GLU C 3 18.31 0.40 13.17
CA GLU C 3 19.50 -0.37 13.39
C GLU C 3 20.27 -0.36 12.08
N GLU C 4 21.59 -0.32 12.17
CA GLU C 4 22.43 -0.30 10.97
C GLU C 4 22.27 -1.55 10.10
N ILE C 5 22.28 -1.37 8.79
CA ILE C 5 22.16 -2.50 7.89
C ILE C 5 23.56 -2.88 7.40
N PRO C 6 23.72 -4.11 6.88
CA PRO C 6 25.03 -4.59 6.40
C PRO C 6 25.73 -3.61 5.45
#